data_6I6H
#
_entry.id   6I6H
#
_cell.length_a   47.871
_cell.length_b   37.503
_cell.length_c   62.750
_cell.angle_alpha   90.000
_cell.angle_beta   95.420
_cell.angle_gamma   90.000
#
_symmetry.space_group_name_H-M   'P 1 21 1'
#
loop_
_entity.id
_entity.type
_entity.pdbx_description
1 polymer 'ER lumen protein-retaining receptor 2'
2 polymer 'AEKDEL peptide'
3 non-polymer '(2R)-2,3-dihydroxypropyl (9Z)-octadec-9-enoate'
4 water water
#
loop_
_entity_poly.entity_id
_entity_poly.type
_entity_poly.pdbx_seq_one_letter_code
_entity_poly.pdbx_strand_id
1 'polypeptide(L)'
;MNIFRLTGDLSHLAAIIILLLKIWKSRSCAGISGKSQLLFALVFTTRYLDLFTSFISLYNTSMKLIYIACSYATVYLIYM
KFKATYDGNHDTFRVEFLIVPVGGLSFLVNHDFSPLEILWTFSIYLESVAILPQLFMISKTGEAETITTHYLFFLGLYRA
LYLVNWIWRYYFEGFFDLIAVVAGVVQTVLYCDFFYLYVTKVLKGKK
;
A
2 'polypeptide(L)' AEKDEL B
#
loop_
_chem_comp.id
_chem_comp.type
_chem_comp.name
_chem_comp.formula
OLC non-polymer '(2R)-2,3-dihydroxypropyl (9Z)-octadec-9-enoate' 'C21 H40 O4'
#
# COMPACT_ATOMS: atom_id res chain seq x y z
N MET A 1 9.01 -18.40 4.37
CA MET A 1 7.56 -18.16 4.31
C MET A 1 6.85 -18.81 5.50
N ASN A 2 5.84 -18.12 6.03
CA ASN A 2 4.95 -18.58 7.10
C ASN A 2 3.52 -18.19 6.68
N ILE A 3 2.49 -18.75 7.35
CA ILE A 3 1.09 -18.51 7.03
C ILE A 3 0.66 -17.04 7.21
N PHE A 4 1.27 -16.31 8.14
CA PHE A 4 0.96 -14.90 8.39
C PHE A 4 1.37 -14.02 7.23
N ARG A 5 2.58 -14.19 6.70
CA ARG A 5 3.03 -13.42 5.53
C ARG A 5 2.25 -13.82 4.26
N LEU A 6 1.94 -15.13 4.11
CA LEU A 6 1.22 -15.63 2.95
C LEU A 6 -0.18 -15.02 2.89
N THR A 7 -0.91 -15.05 4.02
CA THR A 7 -2.26 -14.46 4.15
C THR A 7 -2.15 -12.95 3.92
N GLY A 8 -1.10 -12.33 4.48
CA GLY A 8 -0.81 -10.91 4.31
C GLY A 8 -0.67 -10.53 2.84
N ASP A 9 0.13 -11.31 2.09
CA ASP A 9 0.34 -11.12 0.65
C ASP A 9 -0.95 -11.33 -0.16
N LEU A 10 -1.72 -12.40 0.17
CA LEU A 10 -2.98 -12.73 -0.49
C LEU A 10 -4.03 -11.63 -0.24
N SER A 11 -4.03 -11.05 0.97
CA SER A 11 -4.92 -9.94 1.34
C SER A 11 -4.61 -8.70 0.52
N HIS A 12 -3.30 -8.42 0.29
CA HIS A 12 -2.79 -7.27 -0.48
C HIS A 12 -3.20 -7.42 -1.94
N LEU A 13 -2.99 -8.63 -2.54
CA LEU A 13 -3.37 -8.93 -3.92
C LEU A 13 -4.91 -8.78 -4.03
N ALA A 14 -5.68 -9.25 -3.03
CA ALA A 14 -7.15 -9.11 -3.02
C ALA A 14 -7.56 -7.64 -3.15
N ALA A 15 -6.99 -6.75 -2.30
CA ALA A 15 -7.30 -5.32 -2.31
C ALA A 15 -7.02 -4.70 -3.68
N ILE A 16 -5.83 -5.00 -4.24
CA ILE A 16 -5.39 -4.47 -5.52
C ILE A 16 -6.37 -4.87 -6.67
N ILE A 17 -6.84 -6.14 -6.67
CA ILE A 17 -7.77 -6.67 -7.66
C ILE A 17 -9.19 -6.09 -7.46
N ILE A 18 -9.68 -6.01 -6.19
CA ILE A 18 -10.98 -5.42 -5.85
C ILE A 18 -11.07 -4.01 -6.47
N LEU A 19 -10.05 -3.16 -6.23
CA LEU A 19 -10.06 -1.81 -6.76
C LEU A 19 -9.99 -1.77 -8.28
N LEU A 20 -9.05 -2.51 -8.89
CA LEU A 20 -8.89 -2.54 -10.35
C LEU A 20 -10.15 -3.02 -11.07
N LEU A 21 -10.79 -4.11 -10.57
CA LEU A 21 -12.02 -4.64 -11.16
C LEU A 21 -13.23 -3.73 -10.91
N LYS A 22 -13.24 -3.00 -9.78
CA LYS A 22 -14.30 -2.05 -9.46
C LYS A 22 -14.27 -0.90 -10.47
N ILE A 23 -13.10 -0.32 -10.76
CA ILE A 23 -12.98 0.79 -11.72
C ILE A 23 -13.30 0.28 -13.15
N TRP A 24 -12.72 -0.85 -13.53
CA TRP A 24 -12.90 -1.48 -14.85
C TRP A 24 -14.36 -1.79 -15.20
N LYS A 25 -15.08 -2.49 -14.31
CA LYS A 25 -16.48 -2.89 -14.53
C LYS A 25 -17.45 -1.70 -14.52
N SER A 26 -17.28 -0.76 -13.57
CA SER A 26 -18.17 0.39 -13.46
C SER A 26 -17.85 1.48 -14.48
N ARG A 27 -16.64 1.42 -15.10
CA ARG A 27 -16.14 2.41 -16.07
C ARG A 27 -16.04 3.79 -15.38
N SER A 28 -15.77 3.78 -14.07
CA SER A 28 -15.69 5.00 -13.27
C SER A 28 -14.75 4.88 -12.09
N CYS A 29 -14.04 5.97 -11.77
CA CYS A 29 -13.13 6.03 -10.62
C CYS A 29 -13.63 7.07 -9.61
N ALA A 30 -14.96 7.26 -9.54
CA ALA A 30 -15.62 8.16 -8.60
C ALA A 30 -15.29 7.71 -7.16
N GLY A 31 -14.91 8.66 -6.31
CA GLY A 31 -14.55 8.42 -4.90
C GLY A 31 -13.15 7.88 -4.65
N ILE A 32 -12.36 7.65 -5.71
CA ILE A 32 -11.00 7.10 -5.59
C ILE A 32 -9.94 8.21 -5.68
N SER A 33 -8.97 8.17 -4.76
CA SER A 33 -7.84 9.08 -4.77
C SER A 33 -6.82 8.59 -5.79
N GLY A 34 -6.62 9.37 -6.85
CA GLY A 34 -5.58 9.08 -7.83
C GLY A 34 -4.20 9.25 -7.21
N LYS A 35 -4.08 10.21 -6.26
CA LYS A 35 -2.82 10.51 -5.55
C LYS A 35 -2.30 9.30 -4.77
N SER A 36 -3.17 8.60 -4.00
N SER A 36 -3.18 8.61 -4.01
CA SER A 36 -2.77 7.40 -3.26
CA SER A 36 -2.81 7.41 -3.27
C SER A 36 -2.24 6.32 -4.21
C SER A 36 -2.26 6.31 -4.20
N GLN A 37 -2.87 6.14 -5.39
CA GLN A 37 -2.46 5.14 -6.39
C GLN A 37 -1.10 5.45 -7.02
N LEU A 38 -0.79 6.76 -7.19
CA LEU A 38 0.51 7.23 -7.66
C LEU A 38 1.57 6.86 -6.63
N LEU A 39 1.27 7.07 -5.34
CA LEU A 39 2.19 6.73 -4.23
C LEU A 39 2.43 5.24 -4.14
N PHE A 40 1.37 4.41 -4.26
CA PHE A 40 1.54 2.95 -4.26
C PHE A 40 2.36 2.47 -5.47
N ALA A 41 2.19 3.10 -6.63
CA ALA A 41 2.98 2.73 -7.82
C ALA A 41 4.46 3.11 -7.60
N LEU A 42 4.70 4.27 -6.96
CA LEU A 42 6.06 4.72 -6.63
C LEU A 42 6.72 3.78 -5.61
N VAL A 43 5.91 3.24 -4.67
CA VAL A 43 6.38 2.27 -3.64
C VAL A 43 6.93 1.04 -4.34
N PHE A 44 6.12 0.38 -5.21
CA PHE A 44 6.52 -0.84 -5.91
C PHE A 44 7.70 -0.61 -6.85
N THR A 45 7.77 0.56 -7.50
CA THR A 45 8.85 0.93 -8.43
C THR A 45 10.21 1.04 -7.68
N THR A 46 10.22 1.69 -6.50
CA THR A 46 11.46 1.88 -5.74
C THR A 46 11.86 0.64 -4.90
N ARG A 47 10.86 -0.17 -4.45
CA ARG A 47 11.11 -1.37 -3.66
C ARG A 47 11.64 -2.56 -4.46
N TYR A 48 11.12 -2.74 -5.68
CA TYR A 48 11.37 -3.93 -6.48
C TYR A 48 12.46 -3.79 -7.53
N LEU A 49 13.36 -2.81 -7.36
CA LEU A 49 14.51 -2.64 -8.24
C LEU A 49 15.44 -3.84 -8.15
N ASP A 50 15.31 -4.61 -7.06
CA ASP A 50 16.14 -5.82 -6.84
C ASP A 50 15.78 -6.89 -7.89
N LEU A 51 14.63 -6.76 -8.56
CA LEU A 51 14.24 -7.76 -9.56
C LEU A 51 15.43 -8.00 -10.51
N PHE A 52 16.35 -6.98 -10.63
CA PHE A 52 17.54 -7.02 -11.49
C PHE A 52 18.81 -7.55 -10.81
N THR A 53 18.78 -7.75 -9.49
CA THR A 53 19.98 -8.20 -8.73
C THR A 53 19.72 -9.49 -7.97
N SER A 54 18.44 -9.82 -7.74
CA SER A 54 18.14 -10.96 -6.90
C SER A 54 17.00 -11.81 -7.38
N PHE A 55 17.14 -13.12 -7.15
CA PHE A 55 16.09 -14.09 -7.39
C PHE A 55 15.82 -14.81 -6.06
N ILE A 56 14.62 -14.61 -5.49
CA ILE A 56 14.22 -15.25 -4.24
C ILE A 56 13.48 -16.55 -4.58
N SER A 57 12.45 -16.47 -5.46
CA SER A 57 11.62 -17.59 -5.89
C SER A 57 10.73 -17.15 -7.04
N LEU A 58 10.08 -18.12 -7.73
CA LEU A 58 9.13 -17.83 -8.80
C LEU A 58 7.95 -17.02 -8.25
N TYR A 59 7.47 -17.40 -7.05
CA TYR A 59 6.39 -16.70 -6.35
C TYR A 59 6.78 -15.23 -6.08
N ASN A 60 7.97 -15.01 -5.52
CA ASN A 60 8.46 -13.65 -5.19
C ASN A 60 8.59 -12.77 -6.44
N THR A 61 9.16 -13.31 -7.54
CA THR A 61 9.30 -12.59 -8.80
C THR A 61 7.93 -12.27 -9.39
N SER A 62 7.04 -13.28 -9.48
CA SER A 62 5.69 -13.12 -10.03
C SER A 62 4.87 -12.12 -9.28
N MET A 63 4.87 -12.17 -7.93
CA MET A 63 4.12 -11.24 -7.10
C MET A 63 4.58 -9.79 -7.35
N LYS A 64 5.91 -9.56 -7.45
CA LYS A 64 6.48 -8.22 -7.73
C LYS A 64 5.99 -7.70 -9.07
N LEU A 65 6.06 -8.54 -10.11
CA LEU A 65 5.61 -8.16 -11.46
C LEU A 65 4.10 -7.88 -11.49
N ILE A 66 3.30 -8.67 -10.74
CA ILE A 66 1.85 -8.51 -10.66
C ILE A 66 1.50 -7.18 -9.96
N TYR A 67 2.17 -6.88 -8.84
CA TYR A 67 1.95 -5.63 -8.09
C TYR A 67 2.27 -4.40 -8.96
N ILE A 68 3.42 -4.40 -9.65
CA ILE A 68 3.81 -3.30 -10.55
C ILE A 68 2.75 -3.12 -11.64
N ALA A 69 2.39 -4.21 -12.34
CA ALA A 69 1.42 -4.18 -13.44
C ALA A 69 0.07 -3.64 -13.01
N CYS A 70 -0.49 -4.15 -11.89
CA CYS A 70 -1.80 -3.75 -11.38
C CYS A 70 -1.80 -2.30 -10.85
N SER A 71 -0.69 -1.84 -10.25
CA SER A 71 -0.58 -0.48 -9.74
C SER A 71 -0.50 0.51 -10.88
N TYR A 72 0.32 0.22 -11.89
CA TYR A 72 0.42 1.08 -13.07
C TYR A 72 -0.90 1.08 -13.88
N ALA A 73 -1.57 -0.07 -13.98
CA ALA A 73 -2.86 -0.17 -14.70
C ALA A 73 -3.94 0.65 -13.97
N THR A 74 -3.96 0.66 -12.60
CA THR A 74 -4.91 1.44 -11.80
C THR A 74 -4.69 2.93 -12.05
N VAL A 75 -3.40 3.37 -12.08
CA VAL A 75 -3.03 4.76 -12.37
C VAL A 75 -3.53 5.12 -13.77
N TYR A 76 -3.31 4.22 -14.76
CA TYR A 76 -3.76 4.42 -16.15
C TYR A 76 -5.29 4.65 -16.23
N LEU A 77 -6.07 3.80 -15.53
CA LEU A 77 -7.55 3.89 -15.56
C LEU A 77 -8.05 5.19 -14.95
N ILE A 78 -7.39 5.68 -13.92
CA ILE A 78 -7.81 6.90 -13.23
C ILE A 78 -7.45 8.14 -14.02
N TYR A 79 -6.19 8.28 -14.40
CA TYR A 79 -5.70 9.51 -15.04
C TYR A 79 -5.82 9.53 -16.55
N MET A 80 -6.11 8.40 -17.20
CA MET A 80 -6.21 8.41 -18.65
C MET A 80 -7.56 7.89 -19.15
N LYS A 81 -7.81 6.57 -19.03
CA LYS A 81 -9.02 5.94 -19.56
C LYS A 81 -10.34 6.48 -18.98
N PHE A 82 -10.46 6.56 -17.65
CA PHE A 82 -11.69 7.04 -17.01
C PHE A 82 -11.51 8.39 -16.31
N LYS A 83 -10.70 9.26 -16.94
CA LYS A 83 -10.34 10.61 -16.45
C LYS A 83 -11.59 11.51 -16.29
N ALA A 84 -12.64 11.27 -17.08
CA ALA A 84 -13.90 12.02 -16.97
C ALA A 84 -14.57 11.85 -15.58
N THR A 85 -14.34 10.71 -14.91
CA THR A 85 -14.94 10.44 -13.60
C THR A 85 -13.95 10.65 -12.43
N TYR A 86 -12.71 11.09 -12.72
CA TYR A 86 -11.73 11.34 -11.65
C TYR A 86 -12.08 12.65 -10.99
N ASP A 87 -12.33 12.57 -9.68
CA ASP A 87 -12.74 13.72 -8.83
C ASP A 87 -11.50 14.47 -8.32
N GLY A 88 -10.81 15.15 -9.23
CA GLY A 88 -9.63 15.95 -8.92
C GLY A 88 -9.88 17.03 -7.89
N ASN A 89 -11.09 17.62 -7.90
CA ASN A 89 -11.51 18.67 -6.97
C ASN A 89 -11.55 18.24 -5.50
N HIS A 90 -11.78 16.94 -5.24
CA HIS A 90 -11.85 16.38 -3.89
C HIS A 90 -10.60 15.57 -3.50
N ASP A 91 -9.71 15.27 -4.45
CA ASP A 91 -8.46 14.54 -4.20
C ASP A 91 -7.36 15.59 -4.07
N THR A 92 -7.45 16.42 -3.02
CA THR A 92 -6.59 17.60 -2.86
C THR A 92 -5.45 17.48 -1.86
N PHE A 93 -5.17 16.27 -1.29
CA PHE A 93 -4.05 16.14 -0.34
C PHE A 93 -2.77 16.62 -1.03
N ARG A 94 -1.96 17.42 -0.33
CA ARG A 94 -0.71 17.90 -0.92
C ARG A 94 0.36 16.84 -0.64
N VAL A 95 0.58 15.93 -1.61
CA VAL A 95 1.49 14.77 -1.50
C VAL A 95 2.99 15.16 -1.38
N GLU A 96 3.35 16.44 -1.65
CA GLU A 96 4.72 16.98 -1.49
C GLU A 96 5.14 16.92 0.00
N PHE A 97 4.16 17.09 0.92
CA PHE A 97 4.38 16.99 2.37
C PHE A 97 4.66 15.55 2.79
N LEU A 98 4.43 14.58 1.89
CA LEU A 98 4.75 13.17 2.20
C LEU A 98 6.06 12.78 1.52
N ILE A 99 6.18 13.01 0.20
CA ILE A 99 7.31 12.63 -0.65
C ILE A 99 8.64 13.28 -0.23
N VAL A 100 8.69 14.62 -0.19
CA VAL A 100 9.91 15.37 0.15
C VAL A 100 10.45 14.95 1.55
N PRO A 101 9.68 14.96 2.68
CA PRO A 101 10.25 14.50 3.97
C PRO A 101 10.63 13.02 4.03
N VAL A 102 9.81 12.12 3.44
CA VAL A 102 10.08 10.67 3.37
C VAL A 102 11.39 10.44 2.58
N GLY A 103 11.57 11.23 1.53
CA GLY A 103 12.77 11.22 0.69
C GLY A 103 13.99 11.59 1.52
N GLY A 104 13.87 12.67 2.29
CA GLY A 104 14.90 13.13 3.20
C GLY A 104 15.26 12.10 4.26
N LEU A 105 14.23 11.52 4.92
CA LEU A 105 14.39 10.50 5.95
C LEU A 105 15.05 9.21 5.45
N SER A 106 14.72 8.76 4.22
CA SER A 106 15.31 7.53 3.65
C SER A 106 16.84 7.69 3.41
N PHE A 107 17.26 8.89 3.02
CA PHE A 107 18.69 9.16 2.84
C PHE A 107 19.41 9.21 4.20
N LEU A 108 18.74 9.76 5.24
CA LEU A 108 19.34 9.95 6.56
C LEU A 108 19.27 8.75 7.52
N VAL A 109 18.18 7.97 7.48
CA VAL A 109 17.93 6.85 8.39
C VAL A 109 17.72 5.59 7.55
N ASN A 110 18.78 4.77 7.41
CA ASN A 110 18.71 3.56 6.59
C ASN A 110 19.69 2.50 7.13
N HIS A 111 19.67 1.28 6.57
CA HIS A 111 20.59 0.21 6.98
C HIS A 111 21.94 0.33 6.27
N ASP A 112 21.99 1.09 5.14
CA ASP A 112 23.21 1.24 4.34
C ASP A 112 23.07 2.40 3.38
N PHE A 113 24.13 3.24 3.28
CA PHE A 113 24.14 4.40 2.39
C PHE A 113 24.59 3.95 1.01
N SER A 114 23.69 3.31 0.27
CA SER A 114 23.90 2.82 -1.10
C SER A 114 22.60 3.09 -1.88
N PRO A 115 22.64 3.39 -3.21
CA PRO A 115 21.40 3.75 -3.93
C PRO A 115 20.23 2.78 -3.82
N LEU A 116 20.46 1.46 -3.96
CA LEU A 116 19.38 0.48 -3.91
C LEU A 116 18.74 0.38 -2.53
N GLU A 117 19.55 0.46 -1.46
CA GLU A 117 19.06 0.41 -0.08
C GLU A 117 18.28 1.68 0.28
N ILE A 118 18.76 2.85 -0.15
CA ILE A 118 18.11 4.15 0.11
C ILE A 118 16.72 4.13 -0.55
N LEU A 119 16.65 3.66 -1.81
CA LEU A 119 15.39 3.57 -2.56
C LEU A 119 14.44 2.56 -1.94
N TRP A 120 14.98 1.44 -1.40
CA TRP A 120 14.14 0.45 -0.69
C TRP A 120 13.58 1.11 0.58
N THR A 121 14.39 1.88 1.31
CA THR A 121 13.99 2.56 2.57
C THR A 121 12.86 3.56 2.29
N PHE A 122 12.99 4.30 1.18
CA PHE A 122 12.01 5.27 0.69
C PHE A 122 10.68 4.54 0.46
N SER A 123 10.72 3.34 -0.15
CA SER A 123 9.50 2.58 -0.43
C SER A 123 8.79 2.18 0.86
N ILE A 124 9.56 1.80 1.90
CA ILE A 124 9.07 1.41 3.22
C ILE A 124 8.40 2.61 3.96
N TYR A 125 9.08 3.78 4.02
CA TYR A 125 8.50 4.95 4.68
C TYR A 125 7.30 5.49 3.90
N LEU A 126 7.41 5.55 2.57
CA LEU A 126 6.29 6.05 1.74
C LEU A 126 5.04 5.15 1.88
N GLU A 127 5.22 3.83 1.91
CA GLU A 127 4.05 2.94 2.00
C GLU A 127 3.27 3.20 3.30
N SER A 128 3.98 3.52 4.38
CA SER A 128 3.35 3.79 5.67
C SER A 128 2.33 4.93 5.63
N VAL A 129 2.47 5.87 4.69
CA VAL A 129 1.57 7.03 4.58
C VAL A 129 0.86 7.14 3.23
N ALA A 130 1.08 6.17 2.33
CA ALA A 130 0.52 6.16 0.99
C ALA A 130 -1.02 6.23 0.92
N ILE A 131 -1.73 5.64 1.89
CA ILE A 131 -3.20 5.67 1.89
C ILE A 131 -3.78 7.00 2.39
N LEU A 132 -2.95 7.89 3.03
CA LEU A 132 -3.44 9.17 3.56
C LEU A 132 -4.28 9.98 2.56
N PRO A 133 -3.88 10.19 1.28
CA PRO A 133 -4.76 10.90 0.34
C PRO A 133 -6.15 10.29 0.14
N GLN A 134 -6.27 8.95 0.16
CA GLN A 134 -7.58 8.27 0.05
C GLN A 134 -8.46 8.47 1.28
N LEU A 135 -7.88 8.32 2.49
CA LEU A 135 -8.65 8.51 3.73
C LEU A 135 -9.08 9.98 3.85
N PHE A 136 -8.23 10.90 3.41
CA PHE A 136 -8.46 12.34 3.40
C PHE A 136 -9.61 12.71 2.43
N MET A 137 -9.66 12.05 1.26
CA MET A 137 -10.70 12.28 0.25
C MET A 137 -12.04 11.82 0.81
N ILE A 138 -12.07 10.63 1.43
CA ILE A 138 -13.29 10.07 2.05
C ILE A 138 -13.85 11.02 3.12
N SER A 139 -12.97 11.54 4.01
CA SER A 139 -13.37 12.46 5.08
C SER A 139 -13.93 13.77 4.51
N LYS A 140 -13.36 14.26 3.39
CA LYS A 140 -13.81 15.47 2.70
C LYS A 140 -15.18 15.24 2.07
N THR A 141 -15.28 14.25 1.15
CA THR A 141 -16.51 13.86 0.44
C THR A 141 -17.51 13.17 1.38
N GLY A 142 -18.64 12.73 0.81
CA GLY A 142 -19.66 12.01 1.54
C GLY A 142 -19.39 10.52 1.63
N GLU A 143 -18.90 10.07 2.81
CA GLU A 143 -18.63 8.66 3.16
C GLU A 143 -17.73 7.91 2.14
N ALA A 144 -17.97 6.60 1.96
CA ALA A 144 -17.29 5.71 1.04
C ALA A 144 -18.24 4.58 0.62
N GLU A 145 -18.27 4.22 -0.69
CA GLU A 145 -19.06 3.10 -1.23
C GLU A 145 -18.58 1.80 -0.57
N THR A 146 -19.47 0.79 -0.45
CA THR A 146 -19.12 -0.47 0.22
C THR A 146 -17.91 -1.18 -0.40
N ILE A 147 -17.83 -1.27 -1.74
CA ILE A 147 -16.68 -1.92 -2.41
C ILE A 147 -15.36 -1.19 -2.05
N THR A 148 -15.41 0.16 -1.95
CA THR A 148 -14.26 0.96 -1.55
C THR A 148 -13.84 0.61 -0.12
N THR A 149 -14.80 0.37 0.79
CA THR A 149 -14.46 0.01 2.17
C THR A 149 -13.81 -1.40 2.22
N HIS A 150 -14.27 -2.35 1.37
CA HIS A 150 -13.69 -3.70 1.33
C HIS A 150 -12.23 -3.62 0.85
N TYR A 151 -11.95 -2.75 -0.16
CA TYR A 151 -10.60 -2.49 -0.64
C TYR A 151 -9.72 -2.04 0.54
N LEU A 152 -10.19 -1.00 1.28
CA LEU A 152 -9.48 -0.47 2.45
C LEU A 152 -9.31 -1.50 3.56
N PHE A 153 -10.29 -2.38 3.76
CA PHE A 153 -10.16 -3.42 4.76
C PHE A 153 -9.02 -4.42 4.43
N PHE A 154 -8.97 -4.94 3.18
CA PHE A 154 -7.95 -5.92 2.81
C PHE A 154 -6.55 -5.31 2.72
N LEU A 155 -6.48 -4.02 2.36
CA LEU A 155 -5.20 -3.31 2.29
C LEU A 155 -4.64 -3.07 3.70
N GLY A 156 -5.50 -2.67 4.65
CA GLY A 156 -5.12 -2.43 6.04
C GLY A 156 -4.74 -3.71 6.73
N LEU A 157 -5.51 -4.78 6.49
CA LEU A 157 -5.23 -6.10 7.10
C LEU A 157 -3.86 -6.66 6.65
N TYR A 158 -3.46 -6.37 5.41
CA TYR A 158 -2.21 -6.90 4.82
C TYR A 158 -0.99 -6.55 5.67
N ARG A 159 -0.73 -5.27 5.94
CA ARG A 159 0.46 -4.91 6.71
C ARG A 159 0.30 -5.27 8.20
N ALA A 160 -0.94 -5.42 8.68
CA ALA A 160 -1.19 -5.87 10.06
C ALA A 160 -0.73 -7.34 10.17
N LEU A 161 -0.96 -8.14 9.11
CA LEU A 161 -0.51 -9.53 9.09
C LEU A 161 1.02 -9.62 8.97
N TYR A 162 1.65 -8.61 8.35
CA TYR A 162 3.11 -8.52 8.26
C TYR A 162 3.71 -8.32 9.64
N LEU A 163 3.03 -7.60 10.54
CA LEU A 163 3.49 -7.41 11.93
C LEU A 163 3.50 -8.75 12.64
N VAL A 164 2.45 -9.58 12.45
CA VAL A 164 2.40 -10.91 13.05
C VAL A 164 3.53 -11.78 12.46
N ASN A 165 3.77 -11.67 11.13
CA ASN A 165 4.86 -12.34 10.43
C ASN A 165 6.22 -12.02 11.09
N TRP A 166 6.45 -10.73 11.44
CA TRP A 166 7.70 -10.28 12.06
C TRP A 166 7.88 -10.79 13.48
N ILE A 167 6.80 -11.02 14.23
CA ILE A 167 6.91 -11.59 15.57
C ILE A 167 7.40 -13.04 15.39
N TRP A 168 6.76 -13.77 14.47
CA TRP A 168 7.05 -15.17 14.12
C TRP A 168 8.53 -15.33 13.74
N ARG A 169 9.00 -14.53 12.75
CA ARG A 169 10.39 -14.57 12.26
C ARG A 169 11.40 -14.18 13.33
N TYR A 170 11.03 -13.26 14.24
CA TYR A 170 11.92 -12.89 15.34
C TYR A 170 12.07 -14.09 16.30
N TYR A 171 10.95 -14.73 16.65
CA TYR A 171 10.95 -15.89 17.56
C TYR A 171 11.66 -17.12 16.98
N PHE A 172 11.30 -17.54 15.74
CA PHE A 172 11.83 -18.76 15.13
C PHE A 172 13.16 -18.59 14.36
N GLU A 173 13.39 -17.45 13.71
CA GLU A 173 14.60 -17.25 12.91
C GLU A 173 15.62 -16.25 13.48
N GLY A 174 15.22 -15.52 14.52
CA GLY A 174 16.04 -14.47 15.12
C GLY A 174 16.26 -13.30 14.19
N PHE A 175 15.35 -13.12 13.20
CA PHE A 175 15.42 -12.05 12.21
C PHE A 175 14.56 -10.87 12.62
N PHE A 176 15.09 -9.65 12.50
CA PHE A 176 14.34 -8.44 12.77
C PHE A 176 14.84 -7.27 11.96
N ASP A 177 13.91 -6.44 11.49
CA ASP A 177 14.24 -5.25 10.72
C ASP A 177 13.43 -4.12 11.33
N LEU A 178 14.06 -3.28 12.17
CA LEU A 178 13.35 -2.20 12.88
C LEU A 178 12.76 -1.12 11.97
N ILE A 179 13.35 -0.86 10.79
CA ILE A 179 12.82 0.11 9.81
C ILE A 179 11.47 -0.39 9.29
N ALA A 180 11.41 -1.63 8.81
CA ALA A 180 10.18 -2.24 8.30
C ALA A 180 9.10 -2.30 9.39
N VAL A 181 9.49 -2.66 10.63
CA VAL A 181 8.58 -2.82 11.78
C VAL A 181 7.95 -1.49 12.17
N VAL A 182 8.78 -0.49 12.50
CA VAL A 182 8.29 0.85 12.90
C VAL A 182 7.39 1.41 11.81
N ALA A 183 7.84 1.33 10.55
CA ALA A 183 7.02 1.84 9.45
C ALA A 183 5.74 1.03 9.29
N GLY A 184 5.80 -0.28 9.58
CA GLY A 184 4.61 -1.14 9.51
C GLY A 184 3.58 -0.84 10.59
N VAL A 185 4.06 -0.41 11.77
CA VAL A 185 3.22 -0.03 12.92
C VAL A 185 2.54 1.29 12.53
N VAL A 186 3.32 2.25 11.96
CA VAL A 186 2.77 3.53 11.48
C VAL A 186 1.66 3.26 10.44
N GLN A 187 1.95 2.37 9.47
CA GLN A 187 1.04 2.00 8.38
C GLN A 187 -0.29 1.48 8.92
N THR A 188 -0.25 0.62 9.95
CA THR A 188 -1.41 0.00 10.56
C THR A 188 -2.21 0.96 11.45
N VAL A 189 -1.52 1.76 12.31
CA VAL A 189 -2.15 2.74 13.21
C VAL A 189 -3.06 3.72 12.44
N LEU A 190 -2.65 4.09 11.20
CA LEU A 190 -3.44 5.03 10.40
C LEU A 190 -4.79 4.45 9.92
N TYR A 191 -4.97 3.12 10.07
CA TYR A 191 -6.24 2.42 9.74
C TYR A 191 -7.17 2.22 10.96
N CYS A 192 -6.73 2.62 12.18
CA CYS A 192 -7.50 2.41 13.43
C CYS A 192 -8.95 2.91 13.36
N ASP A 193 -9.18 4.16 12.96
CA ASP A 193 -10.54 4.69 12.87
C ASP A 193 -11.35 4.00 11.79
N PHE A 194 -10.72 3.74 10.63
CA PHE A 194 -11.39 3.02 9.56
C PHE A 194 -11.82 1.61 10.02
N PHE A 195 -10.94 0.85 10.72
CA PHE A 195 -11.24 -0.50 11.20
C PHE A 195 -12.41 -0.51 12.16
N TYR A 196 -12.39 0.41 13.16
CA TYR A 196 -13.46 0.53 14.15
C TYR A 196 -14.80 0.80 13.45
N LEU A 197 -14.81 1.72 12.48
CA LEU A 197 -16.01 2.09 11.73
C LEU A 197 -16.46 0.99 10.75
N TYR A 198 -15.53 0.26 10.14
CA TYR A 198 -15.85 -0.84 9.23
C TYR A 198 -16.54 -2.00 10.00
N VAL A 199 -16.06 -2.33 11.20
CA VAL A 199 -16.61 -3.42 12.01
C VAL A 199 -17.96 -3.01 12.63
N THR A 200 -18.03 -1.84 13.28
CA THR A 200 -19.25 -1.37 13.95
C THR A 200 -20.35 -0.88 12.99
N LYS A 201 -19.98 -0.29 11.82
CA LYS A 201 -20.99 0.22 10.89
C LYS A 201 -21.15 -0.61 9.61
N VAL A 202 -20.11 -0.68 8.75
CA VAL A 202 -20.11 -1.37 7.45
C VAL A 202 -20.54 -2.84 7.55
N LEU A 203 -19.92 -3.61 8.47
CA LEU A 203 -20.28 -5.03 8.65
C LEU A 203 -21.70 -5.21 9.26
N LYS A 204 -22.32 -4.12 9.76
CA LYS A 204 -23.68 -4.13 10.32
C LYS A 204 -24.71 -3.45 9.37
N GLY A 205 -24.31 -3.24 8.11
CA GLY A 205 -25.13 -2.63 7.06
C GLY A 205 -25.41 -1.15 7.21
N LYS A 206 -24.56 -0.43 7.97
CA LYS A 206 -24.67 1.02 8.19
C LYS A 206 -23.60 1.75 7.38
N LYS A 207 -23.73 3.08 7.25
CA LYS A 207 -22.80 3.98 6.54
C LYS A 207 -22.62 3.58 5.07
N ALA B 1 21.90 -7.35 3.12
CA ALA B 1 20.97 -8.43 3.39
C ALA B 1 19.82 -8.48 2.36
N GLU B 2 19.77 -9.58 1.60
CA GLU B 2 18.76 -9.86 0.57
C GLU B 2 17.33 -9.74 1.15
N LYS B 3 16.46 -9.05 0.42
CA LYS B 3 15.08 -8.81 0.82
C LYS B 3 14.23 -10.02 0.39
N ASP B 4 13.68 -10.76 1.36
CA ASP B 4 12.90 -12.00 1.04
C ASP B 4 11.39 -11.77 1.15
N GLU B 5 10.96 -10.55 1.49
CA GLU B 5 9.53 -10.23 1.62
C GLU B 5 9.08 -9.25 0.53
N LEU B 6 7.79 -8.92 0.48
CA LEU B 6 7.21 -7.99 -0.52
C LEU B 6 6.86 -6.63 0.11
C18 OLC C . -15.34 -8.34 -8.04
C10 OLC C . -7.21 -12.50 -4.61
C9 OLC C . -6.07 -13.19 -4.81
C17 OLC C . -14.27 -9.37 -7.67
C11 OLC C . -8.57 -12.74 -5.20
C8 OLC C . -5.84 -14.39 -5.69
C24 OLC C . -14.44 -14.97 -1.37
C16 OLC C . -13.59 -9.00 -6.35
C12 OLC C . -9.22 -11.41 -5.53
C7 OLC C . -4.90 -15.38 -4.96
C15 OLC C . -12.90 -10.22 -5.74
C13 OLC C . -10.74 -11.46 -5.33
C6 OLC C . -5.67 -16.63 -4.48
C14 OLC C . -11.40 -10.26 -6.03
C5 OLC C . -5.86 -16.65 -2.94
C4 OLC C . -7.07 -15.84 -2.43
C3 OLC C . -8.34 -16.70 -2.35
C2 OLC C . -9.53 -15.83 -1.92
C21 OLC C . -13.06 -16.37 -2.96
C1 OLC C . -10.83 -16.58 -2.01
C22 OLC C . -14.03 -15.15 -2.85
O19 OLC C . -11.11 -17.68 -1.54
O25 OLC C . -15.36 -13.92 -1.40
O23 OLC C . -13.50 -14.00 -3.41
O20 OLC C . -11.75 -15.86 -2.72
C18 OLC D . -3.83 -16.67 9.43
C10 OLC D . -11.36 -10.06 10.25
C9 OLC D . -12.17 -9.12 10.77
C17 OLC D . -4.31 -15.27 9.73
C11 OLC D . -10.06 -10.59 10.80
C8 OLC D . -12.00 -8.35 12.05
C24 OLC D . -1.92 -7.34 14.71
C16 OLC D . -5.76 -15.05 9.26
C12 OLC D . -9.68 -11.88 10.04
C7 OLC D . -11.30 -7.03 11.76
C15 OLC D . -6.28 -13.72 9.84
C13 OLC D . -8.23 -12.26 10.35
C6 OLC D . -10.22 -6.74 12.80
C14 OLC D . -7.78 -13.50 9.57
C5 OLC D . -9.42 -5.45 12.49
C4 OLC D . -8.34 -5.63 11.40
C3 OLC D . -7.10 -6.35 11.94
C2 OLC D . -5.94 -5.37 12.20
C21 OLC D . -4.21 -6.48 14.21
C1 OLC D . -5.98 -4.82 13.61
C22 OLC D . -2.93 -6.22 15.06
O19 OLC D . -6.69 -3.92 14.01
O25 OLC D . -0.76 -7.04 15.43
O23 OLC D . -2.43 -4.95 14.82
O20 OLC D . -5.11 -5.42 14.53
C18 OLC E . -16.22 -7.19 -4.20
C10 OLC E . -9.85 -12.27 -0.51
C9 OLC E . -8.75 -12.74 0.10
C17 OLC E . -15.59 -7.29 -2.82
C11 OLC E . -11.25 -12.19 0.01
C8 OLC E . -8.63 -13.32 1.48
C24 OLC E . -15.08 -9.09 3.80
C16 OLC E . -15.19 -8.74 -2.52
C12 OLC E . -12.20 -11.93 -1.17
C7 OLC E . -7.49 -12.60 2.22
C15 OLC E . -14.62 -8.87 -1.09
C13 OLC E . -12.62 -10.45 -1.27
C6 OLC E . -7.19 -13.26 3.57
C14 OLC E . -14.10 -10.29 -0.83
C5 OLC E . -7.98 -12.60 4.72
C4 OLC E . -9.24 -13.40 5.13
C3 OLC E . -10.15 -12.52 5.99
C2 OLC E . -11.63 -12.84 5.71
C21 OLC E . -14.61 -10.56 5.82
C1 OLC E . -12.55 -11.80 6.32
C22 OLC E . -14.21 -9.24 5.10
O19 OLC E . -12.44 -11.24 7.41
O25 OLC E . -16.32 -8.55 4.19
O23 OLC E . -14.32 -8.17 5.96
O20 OLC E . -13.59 -11.51 5.46
C9 OLC F . 0.00 -22.86 0.35
C8 OLC F . 1.26 -23.52 0.77
C24 OLC F . 13.46 -23.70 1.94
C7 OLC F . 2.46 -22.67 0.33
C6 OLC F . 3.76 -23.45 0.48
C5 OLC F . 4.90 -22.48 0.83
C4 OLC F . 6.25 -23.22 0.89
C3 OLC F . 7.27 -22.37 1.65
C2 OLC F . 8.61 -23.11 1.75
C21 OLC F . 11.39 -22.31 1.44
C1 OLC F . 9.41 -22.62 2.95
C22 OLC F . 12.91 -22.24 1.78
O19 OLC F . 8.99 -22.53 4.11
O25 OLC F . 13.17 -24.06 3.26
O23 OLC F . 13.63 -21.52 0.84
O20 OLC F . 10.74 -22.26 2.72
C18 OLC G . -9.59 -1.96 15.61
C10 OLC G . -18.53 -3.01 19.14
C9 OLC G . -19.39 -2.00 19.42
C17 OLC G . -10.59 -3.10 15.81
C11 OLC G . -17.02 -2.95 19.10
C8 OLC G . -19.08 -0.57 19.75
C16 OLC G . -12.03 -2.57 15.89
C12 OLC G . -16.53 -3.74 17.90
C7 OLC G . -20.37 0.24 19.92
C15 OLC G . -12.88 -3.58 16.67
C13 OLC G . -15.01 -3.92 17.94
C6 OLC G . -20.90 0.78 18.59
C14 OLC G . -14.33 -3.11 16.81
C5 OLC G . -22.00 1.83 18.85
C4 OLC G . -22.46 2.49 17.55
C18 OLC H . 9.80 -16.36 -0.76
C10 OLC H . 1.76 -19.75 -2.52
C17 OLC H . 8.81 -17.25 -1.44
C11 OLC H . 3.14 -20.05 -2.96
C16 OLC H . 8.90 -18.70 -0.91
C12 OLC H . 4.13 -19.68 -1.85
C15 OLC H . 7.97 -19.65 -1.69
C13 OLC H . 5.56 -19.97 -2.32
C14 OLC H . 6.52 -19.46 -1.26
C1 OLC H . 0.93 -18.38 -10.83
O20 OLC H . 0.57 -19.68 -11.16
C18 OLC I . 2.40 16.68 7.14
C10 OLC I . 6.36 8.12 8.41
C9 OLC I . 6.89 6.97 8.86
C17 OLC I . 3.18 15.45 6.72
C11 OLC I . 7.01 9.35 7.83
C8 OLC I . 8.33 6.56 8.89
C24 OLC I . 18.96 2.53 12.09
C16 OLC I . 4.17 15.02 7.82
C12 OLC I . 5.86 10.28 7.40
C7 OLC I . 8.72 6.19 10.33
C15 OLC I . 5.31 14.13 7.27
C13 OLC I . 6.25 11.77 7.31
C6 OLC I . 9.98 5.33 10.38
C14 OLC I . 4.97 12.63 7.36
C5 OLC I . 10.99 5.85 11.42
C4 OLC I . 12.37 5.22 11.21
C3 OLC I . 12.67 4.08 12.22
C2 OLC I . 14.18 4.11 12.49
C21 OLC I . 16.85 1.64 13.17
C1 OLC I . 14.75 2.93 13.20
C22 OLC I . 17.88 1.43 12.01
O19 OLC I . 14.27 2.26 14.11
O25 OLC I . 19.52 2.57 10.81
O23 OLC I . 18.43 0.15 12.06
O20 OLC I . 16.02 2.70 12.70
C18 OLC J . 0.34 13.31 14.43
C10 OLC J . 6.11 9.33 13.82
C9 OLC J . 6.85 8.24 14.16
C17 OLC J . 1.35 14.16 13.64
C11 OLC J . 6.40 10.37 12.79
C8 OLC J . 8.13 7.79 13.56
C16 OLC J . 2.79 13.76 13.97
C12 OLC J . 5.12 11.18 12.55
C7 OLC J . 9.32 8.29 14.40
C15 OLC J . 3.79 14.39 12.97
C13 OLC J . 5.47 12.62 12.11
C14 OLC J . 4.17 13.42 11.82
C18 OLC K . 10.30 13.42 9.37
C10 OLC K . 13.46 7.29 14.10
C9 OLC K . 13.59 6.55 15.22
C17 OLC K . 9.50 12.68 10.45
C11 OLC K . 14.38 8.38 13.59
C8 OLC K . 14.69 6.61 16.25
C24 OLC K . 22.25 6.21 9.39
C16 OLC K . 10.24 12.68 11.79
C12 OLC K . 13.60 9.45 12.79
C7 OLC K . 15.53 5.33 16.16
C15 OLC K . 10.96 11.34 12.02
C13 OLC K . 12.56 10.19 13.65
C6 OLC K . 17.00 5.59 15.76
C14 OLC K . 12.10 11.53 13.03
C5 OLC K . 17.11 5.82 14.24
C4 OLC K . 18.56 5.84 13.71
C3 OLC K . 19.28 7.12 14.12
C2 OLC K . 20.45 7.49 13.20
C21 OLC K . 23.39 5.87 11.66
C1 OLC K . 21.59 6.48 13.21
C22 OLC K . 22.95 5.17 10.34
O19 OLC K . 21.92 5.65 14.06
O25 OLC K . 21.51 5.50 8.45
O23 OLC K . 24.04 4.58 9.72
O20 OLC K . 22.27 6.65 12.04
C18 OLC L . -2.08 10.21 13.19
C10 OLC L . -8.61 10.37 8.60
C9 OLC L . -7.99 11.00 7.60
C17 OLC L . -2.97 11.37 12.71
C11 OLC L . -8.44 8.93 8.94
C8 OLC L . -8.14 12.44 7.27
C24 OLC L . 1.40 10.83 11.39
C16 OLC L . -3.50 11.14 11.28
C12 OLC L . -7.50 8.77 10.15
C7 OLC L . -6.75 12.99 6.92
C15 OLC L . -4.71 10.19 11.26
C13 OLC L . -6.01 8.64 9.73
C6 OLC L . -6.55 14.41 7.49
C14 OLC L . -5.22 9.96 9.83
C5 OLC L . -5.12 14.88 7.21
C4 OLC L . -4.20 14.58 8.40
C3 OLC L . -2.73 14.59 7.97
C2 OLC L . -2.00 13.44 8.68
C21 OLC L . 1.50 12.36 9.36
C1 OLC L . -0.49 13.53 8.56
C22 OLC L . 1.77 10.91 9.88
O19 OLC L . 0.17 14.34 7.93
O25 OLC L . 1.81 9.55 11.78
O23 OLC L . 1.08 9.96 9.12
O20 OLC L . 0.08 12.52 9.30
C18 OLC M . 18.62 -5.92 20.87
C10 OLC M . 10.02 -8.07 16.27
C9 OLC M . 8.69 -7.85 16.29
C17 OLC M . 17.54 -5.43 19.92
C11 OLC M . 11.10 -7.04 16.49
C8 OLC M . 7.98 -6.56 16.57
C24 OLC M . -2.65 -2.01 16.54
C16 OLC M . 16.30 -6.35 19.97
C12 OLC M . 11.94 -7.40 17.73
C7 OLC M . 6.54 -6.66 16.06
C15 OLC M . 15.21 -5.79 19.05
C13 OLC M . 13.05 -6.36 17.91
C6 OLC M . 5.77 -5.41 16.47
C14 OLC M . 14.01 -6.75 19.02
C5 OLC M . 4.35 -5.82 16.85
C4 OLC M . 3.53 -4.63 17.34
C3 OLC M . 2.26 -5.17 18.02
C2 OLC M . 1.28 -4.04 18.36
C21 OLC M . -0.31 -2.05 15.61
C1 OLC M . 0.34 -3.80 17.20
C22 OLC M . -1.43 -1.13 16.18
O19 OLC M . -0.45 -4.61 16.72
O25 OLC M . -3.68 -1.11 16.87
O23 OLC M . -1.00 -0.34 17.24
O20 OLC M . 0.48 -2.51 16.71
#